data_8H1M
#
_entry.id   8H1M
#
_cell.length_a   113.219
_cell.length_b   113.219
_cell.length_c   116.284
_cell.angle_alpha   90.000
_cell.angle_beta   90.000
_cell.angle_gamma   90.000
#
_symmetry.space_group_name_H-M   'P 43 21 2'
#
loop_
_entity.id
_entity.type
_entity.pdbx_description
1 polymer 'N-acylglucosamine 2-epimerase'
2 non-polymer 'FORMIC ACID'
3 water water
#
_entity_poly.entity_id   1
_entity_poly.type   'polypeptide(L)'
_entity_poly.pdbx_seq_one_letter_code
;TSEKIASLRQEIETYLNTGLLPFWITRTVDKENGGFLTHFDQFGNDSGEDEKSLIAQSRSVFTYSSAHRAGYGGGVLAEM
ARHGVDYLINNMWDNEHGGFYWMTNRKGEVTIDQKIVYGLSFCIYSLSEYTLATGDPRGREYAEKTFDLLQKYAVDTHYG
GYFEMFNRDWTLKGPGAAGGDRKTLDVHMHLMEAYTTLYECTGQEIHRRKLLETIELLVNKVMHPEYGTGIPQFWADWSV
APQIKFDIVWGWARFNPDGLKSAAEDNTSYGHNSEFAWLLMHALDILGLPYDTYREQITKSYTHAVENGVDWEFGGVYVE
GSHAGQVYDKEKEFWQQAEMLIGMLDAYRFLKDEKYLQAYENIHRFVFDKMINHSLGEWWPLMTREGVPIWKHMSHSWKI
NYHDVRSMIQSIVRLDKIAKG
;
_entity_poly.pdbx_strand_id   A
#
loop_
_chem_comp.id
_chem_comp.type
_chem_comp.name
_chem_comp.formula
FMT non-polymer 'FORMIC ACID' 'C H2 O2'
#
# COMPACT_ATOMS: atom_id res chain seq x y z
N THR A 1 -10.98 -27.12 -4.16
CA THR A 1 -12.41 -27.48 -4.25
C THR A 1 -13.34 -26.30 -3.96
N SER A 2 -14.59 -26.40 -4.42
CA SER A 2 -15.59 -25.37 -4.14
C SER A 2 -15.88 -25.29 -2.65
N GLU A 3 -15.90 -26.44 -1.96
CA GLU A 3 -16.08 -26.43 -0.51
C GLU A 3 -14.93 -25.68 0.17
N LYS A 4 -13.70 -25.90 -0.29
CA LYS A 4 -12.56 -25.21 0.33
C LYS A 4 -12.69 -23.71 0.10
N ILE A 5 -12.97 -23.28 -1.14
CA ILE A 5 -13.08 -21.83 -1.37
C ILE A 5 -14.18 -21.25 -0.50
N ALA A 6 -15.33 -21.96 -0.39
CA ALA A 6 -16.39 -21.42 0.44
C ALA A 6 -15.96 -21.25 1.90
N SER A 7 -15.17 -22.22 2.44
CA SER A 7 -14.68 -22.12 3.82
C SER A 7 -13.74 -20.93 3.96
N LEU A 8 -12.86 -20.77 2.97
CA LEU A 8 -11.91 -19.66 3.04
C LEU A 8 -12.62 -18.31 3.02
N ARG A 9 -13.62 -18.17 2.13
CA ARG A 9 -14.35 -16.90 2.05
C ARG A 9 -15.11 -16.63 3.33
N GLN A 10 -15.76 -17.66 3.89
CA GLN A 10 -16.49 -17.45 5.12
C GLN A 10 -15.57 -17.02 6.25
N GLU A 11 -14.37 -17.60 6.30
CA GLU A 11 -13.42 -17.24 7.35
C GLU A 11 -13.08 -15.76 7.25
N ILE A 12 -12.85 -15.29 6.02
CA ILE A 12 -12.54 -13.86 5.82
C ILE A 12 -13.73 -13.00 6.21
N GLU A 13 -14.91 -13.37 5.71
CA GLU A 13 -16.08 -12.51 5.91
C GLU A 13 -16.41 -12.32 7.41
N THR A 14 -16.43 -13.42 8.17
CA THR A 14 -16.73 -13.31 9.59
C THR A 14 -15.69 -12.43 10.31
N TYR A 15 -14.41 -12.66 9.99
CA TYR A 15 -13.34 -11.89 10.63
C TYR A 15 -13.44 -10.42 10.27
N LEU A 16 -13.65 -10.11 8.99
CA LEU A 16 -13.72 -8.71 8.58
C LEU A 16 -14.87 -8.00 9.30
N ASN A 17 -16.04 -8.64 9.34
CA ASN A 17 -17.20 -7.97 9.91
C ASN A 17 -17.13 -7.87 11.42
N THR A 18 -16.69 -8.95 12.09
CA THR A 18 -16.82 -9.00 13.54
C THR A 18 -15.51 -8.70 14.25
N GLY A 19 -14.38 -8.69 13.55
CA GLY A 19 -13.09 -8.51 14.25
C GLY A 19 -12.37 -7.26 13.76
N LEU A 20 -12.00 -7.24 12.47
CA LEU A 20 -11.11 -6.17 11.97
C LEU A 20 -11.83 -4.82 11.92
N LEU A 21 -13.01 -4.72 11.25
CA LEU A 21 -13.57 -3.37 11.15
C LEU A 21 -14.02 -2.86 12.52
N PRO A 22 -14.60 -3.67 13.41
CA PRO A 22 -14.95 -3.11 14.75
C PRO A 22 -13.74 -2.60 15.53
N PHE A 23 -12.59 -3.24 15.43
CA PHE A 23 -11.41 -2.68 16.12
C PHE A 23 -11.28 -1.20 15.82
N TRP A 24 -11.42 -0.85 14.55
CA TRP A 24 -11.23 0.53 14.10
C TRP A 24 -12.45 1.40 14.38
N ILE A 25 -13.65 0.89 14.09
CA ILE A 25 -14.86 1.70 14.27
C ILE A 25 -14.99 2.14 15.71
N THR A 26 -14.64 1.25 16.66
CA THR A 26 -14.83 1.59 18.06
C THR A 26 -13.76 2.52 18.60
N ARG A 27 -12.66 2.74 17.88
CA ARG A 27 -11.55 3.48 18.46
C ARG A 27 -11.19 4.77 17.74
N THR A 28 -11.41 4.89 16.41
CA THR A 28 -10.54 5.81 15.68
C THR A 28 -11.06 7.24 15.53
N VAL A 29 -12.38 7.49 15.56
CA VAL A 29 -12.84 8.85 15.24
C VAL A 29 -12.54 9.77 16.40
N ASP A 30 -11.80 10.85 16.13
CA ASP A 30 -11.47 11.88 17.14
C ASP A 30 -12.47 13.03 16.93
N LYS A 31 -13.53 13.06 17.78
CA LYS A 31 -14.52 14.10 17.57
C LYS A 31 -14.04 15.44 18.12
N GLU A 32 -13.14 15.40 19.10
CA GLU A 32 -12.71 16.64 19.75
C GLU A 32 -11.80 17.44 18.83
N ASN A 33 -10.80 16.78 18.23
CA ASN A 33 -9.78 17.47 17.45
C ASN A 33 -9.97 17.29 15.96
N GLY A 34 -10.85 16.37 15.57
CA GLY A 34 -10.99 15.99 14.17
C GLY A 34 -9.98 14.91 13.79
N GLY A 35 -10.22 14.32 12.62
CA GLY A 35 -9.27 13.27 12.13
C GLY A 35 -9.38 11.98 12.95
N PHE A 36 -8.36 11.17 12.79
CA PHE A 36 -8.36 9.80 13.28
C PHE A 36 -7.24 9.55 14.27
N LEU A 37 -7.60 8.79 15.30
CA LEU A 37 -6.62 8.25 16.26
C LEU A 37 -6.20 6.86 15.79
N THR A 38 -4.86 6.61 15.76
CA THR A 38 -4.38 5.35 15.20
C THR A 38 -3.25 4.74 16.00
N HIS A 39 -3.00 5.19 17.23
CA HIS A 39 -1.84 4.69 18.00
C HIS A 39 -2.33 3.76 19.07
N PHE A 40 -2.25 2.44 18.81
CA PHE A 40 -2.80 1.44 19.73
C PHE A 40 -1.77 0.38 20.03
N ASP A 41 -1.59 0.10 21.33
CA ASP A 41 -0.55 -0.81 21.77
C ASP A 41 -1.05 -2.24 21.70
N GLN A 42 -0.28 -3.17 22.27
CA GLN A 42 -0.62 -4.60 22.13
C GLN A 42 -1.91 -4.97 22.83
N PHE A 43 -2.47 -4.09 23.66
CA PHE A 43 -3.77 -4.29 24.31
C PHE A 43 -4.86 -3.43 23.68
N GLY A 44 -4.57 -2.75 22.56
CA GLY A 44 -5.57 -1.90 21.92
C GLY A 44 -5.77 -0.57 22.60
N ASN A 45 -4.86 -0.17 23.48
CA ASN A 45 -4.99 1.08 24.20
C ASN A 45 -4.11 2.14 23.57
N ASP A 46 -4.50 3.40 23.78
CA ASP A 46 -3.73 4.53 23.24
C ASP A 46 -2.28 4.50 23.73
N SER A 47 -1.35 4.51 22.76
CA SER A 47 0.07 4.62 23.13
C SER A 47 0.56 6.03 23.18
N GLY A 48 -0.27 7.02 22.82
CA GLY A 48 -0.05 8.41 23.22
C GLY A 48 0.67 9.33 22.27
N GLU A 49 1.12 8.85 21.12
CA GLU A 49 1.91 9.71 20.24
C GLU A 49 1.11 10.93 19.82
N ASP A 50 1.79 12.08 19.81
CA ASP A 50 1.16 13.35 19.47
C ASP A 50 1.28 13.60 17.97
N GLU A 51 0.67 12.67 17.19
CA GLU A 51 0.89 12.63 15.73
C GLU A 51 -0.40 12.31 15.03
N LYS A 52 -0.69 13.07 13.97
CA LYS A 52 -1.69 12.67 12.95
C LYS A 52 -0.96 12.82 11.61
N SER A 53 -0.39 11.72 11.13
CA SER A 53 0.42 11.76 9.91
C SER A 53 -0.45 11.80 8.68
N LEU A 54 0.03 12.44 7.62
CA LEU A 54 -0.72 12.41 6.37
C LEU A 54 -0.99 10.97 5.97
N ILE A 55 0.00 10.11 6.14
CA ILE A 55 -0.17 8.69 5.78
C ILE A 55 -1.33 8.08 6.57
N ALA A 56 -1.37 8.31 7.91
CA ALA A 56 -2.46 7.67 8.70
C ALA A 56 -3.82 8.24 8.33
N GLN A 57 -3.90 9.56 8.11
CA GLN A 57 -5.20 10.17 7.86
C GLN A 57 -5.70 9.80 6.47
N SER A 58 -4.80 9.81 5.46
CA SER A 58 -5.26 9.47 4.11
C SER A 58 -5.53 7.98 3.96
N ARG A 59 -4.69 7.13 4.58
CA ARG A 59 -4.99 5.70 4.47
C ARG A 59 -6.32 5.38 5.11
N SER A 60 -6.63 6.03 6.24
CA SER A 60 -7.94 5.82 6.88
C SER A 60 -9.08 6.21 5.94
N VAL A 61 -8.98 7.38 5.29
CA VAL A 61 -10.01 7.76 4.32
C VAL A 61 -10.13 6.69 3.25
N PHE A 62 -8.99 6.18 2.75
CA PHE A 62 -9.08 5.15 1.72
C PHE A 62 -9.80 3.89 2.23
N THR A 63 -9.42 3.40 3.42
CA THR A 63 -10.05 2.19 3.94
C THR A 63 -11.56 2.38 4.10
N TYR A 64 -11.95 3.49 4.71
CA TYR A 64 -13.39 3.62 5.02
C TYR A 64 -14.18 3.88 3.75
N SER A 65 -13.60 4.57 2.76
CA SER A 65 -14.31 4.79 1.50
C SER A 65 -14.45 3.48 0.75
N SER A 66 -13.34 2.74 0.62
CA SER A 66 -13.34 1.52 -0.19
C SER A 66 -14.19 0.44 0.47
N ALA A 67 -14.12 0.33 1.80
CA ALA A 67 -14.93 -0.69 2.46
C ALA A 67 -16.42 -0.33 2.34
N HIS A 68 -16.75 0.96 2.43
CA HIS A 68 -18.14 1.35 2.23
C HIS A 68 -18.62 1.01 0.84
N ARG A 69 -17.82 1.31 -0.20
CA ARG A 69 -18.20 1.02 -1.59
C ARG A 69 -18.45 -0.47 -1.77
N ALA A 70 -17.72 -1.30 -1.03
CA ALA A 70 -17.84 -2.77 -1.15
C ALA A 70 -18.99 -3.31 -0.31
N GLY A 71 -19.64 -2.47 0.49
CA GLY A 71 -20.79 -2.93 1.29
C GLY A 71 -20.47 -3.38 2.69
N TYR A 72 -19.31 -3.01 3.19
CA TYR A 72 -18.89 -3.39 4.54
C TYR A 72 -18.97 -2.21 5.51
N GLY A 73 -19.03 -2.55 6.81
CA GLY A 73 -19.02 -1.57 7.89
C GLY A 73 -20.40 -1.13 8.35
N GLY A 74 -21.46 -1.82 7.92
CA GLY A 74 -22.80 -1.51 8.45
C GLY A 74 -23.28 -0.15 8.10
N GLY A 75 -22.79 0.42 6.99
CA GLY A 75 -23.23 1.72 6.50
C GLY A 75 -22.52 2.90 7.13
N VAL A 76 -21.72 2.69 8.18
CA VAL A 76 -21.21 3.87 8.92
C VAL A 76 -19.88 4.38 8.36
N LEU A 77 -19.28 3.65 7.41
CA LEU A 77 -17.91 4.01 7.05
C LEU A 77 -17.88 5.20 6.10
N ALA A 78 -18.95 5.45 5.33
CA ALA A 78 -18.95 6.66 4.49
C ALA A 78 -18.78 7.93 5.33
N GLU A 79 -19.54 8.04 6.43
CA GLU A 79 -19.42 9.24 7.27
C GLU A 79 -18.08 9.29 7.98
N MET A 80 -17.49 8.12 8.35
CA MET A 80 -16.12 8.14 8.88
C MET A 80 -15.16 8.68 7.85
N ALA A 81 -15.31 8.27 6.58
CA ALA A 81 -14.42 8.81 5.54
C ALA A 81 -14.62 10.32 5.41
N ARG A 82 -15.88 10.78 5.41
CA ARG A 82 -16.13 12.23 5.33
C ARG A 82 -15.45 12.99 6.48
N HIS A 83 -15.49 12.44 7.70
CA HIS A 83 -14.79 13.05 8.85
C HIS A 83 -13.30 13.19 8.56
N GLY A 84 -12.73 12.15 7.93
CA GLY A 84 -11.31 12.20 7.58
C GLY A 84 -11.03 13.23 6.51
N VAL A 85 -11.90 13.34 5.48
CA VAL A 85 -11.66 14.31 4.43
C VAL A 85 -11.77 15.73 5.00
N ASP A 86 -12.70 15.94 5.95
CA ASP A 86 -12.76 17.24 6.61
C ASP A 86 -11.42 17.58 7.25
N TYR A 87 -10.79 16.59 7.91
CA TYR A 87 -9.50 16.85 8.55
C TYR A 87 -8.42 17.09 7.50
N LEU A 88 -8.36 16.26 6.47
CA LEU A 88 -7.35 16.49 5.42
C LEU A 88 -7.43 17.91 4.88
N ILE A 89 -8.64 18.39 4.53
CA ILE A 89 -8.75 19.70 3.90
C ILE A 89 -8.58 20.81 4.94
N ASN A 90 -9.23 20.69 6.10
CA ASN A 90 -9.23 21.80 7.06
C ASN A 90 -7.96 21.89 7.85
N ASN A 91 -7.22 20.78 8.04
CA ASN A 91 -6.01 20.82 8.84
C ASN A 91 -4.76 20.50 8.05
N MET A 92 -4.85 19.72 6.95
CA MET A 92 -3.63 19.28 6.31
C MET A 92 -3.38 19.88 4.93
N TRP A 93 -4.31 20.70 4.37
CA TRP A 93 -4.08 21.30 3.07
C TRP A 93 -3.42 22.67 3.23
N ASP A 94 -2.39 22.93 2.39
CA ASP A 94 -1.66 24.20 2.42
C ASP A 94 -2.39 25.20 1.53
N ASN A 95 -3.06 26.17 2.19
CA ASN A 95 -3.84 27.14 1.42
C ASN A 95 -3.00 28.24 0.78
N GLU A 96 -1.71 28.26 1.03
CA GLU A 96 -0.84 29.21 0.35
C GLU A 96 -0.11 28.58 -0.82
N HIS A 97 0.58 27.45 -0.59
CA HIS A 97 1.38 26.83 -1.63
C HIS A 97 0.74 25.62 -2.25
N GLY A 98 -0.34 25.10 -1.66
CA GLY A 98 -1.01 23.93 -2.23
C GLY A 98 -0.34 22.64 -1.79
N GLY A 99 -1.10 21.57 -1.83
CA GLY A 99 -0.60 20.25 -1.44
C GLY A 99 -0.84 20.01 0.02
N PHE A 100 -0.74 18.74 0.43
CA PHE A 100 -1.00 18.37 1.82
C PHE A 100 0.31 18.28 2.59
N TYR A 101 0.27 18.79 3.80
CA TYR A 101 1.40 18.70 4.73
C TYR A 101 1.63 17.28 5.20
N TRP A 102 2.89 17.02 5.57
CA TRP A 102 3.31 15.67 5.95
C TRP A 102 2.80 15.27 7.31
N MET A 103 2.78 16.17 8.29
CA MET A 103 2.48 15.75 9.65
C MET A 103 1.74 16.85 10.41
N THR A 104 0.74 16.46 11.18
CA THR A 104 0.11 17.34 12.18
C THR A 104 0.27 16.66 13.55
N ASN A 105 0.03 17.43 14.61
CA ASN A 105 -0.05 16.79 15.93
C ASN A 105 -1.51 16.42 16.19
N ARG A 106 -1.75 15.86 17.39
CA ARG A 106 -3.09 15.35 17.69
C ARG A 106 -4.13 16.48 17.72
N LYS A 107 -3.74 17.71 18.11
CA LYS A 107 -4.67 18.84 18.07
C LYS A 107 -4.87 19.39 16.71
N GLY A 108 -4.17 18.90 15.68
CA GLY A 108 -4.42 19.36 14.33
C GLY A 108 -3.51 20.48 13.83
N GLU A 109 -2.45 20.84 14.58
CA GLU A 109 -1.49 21.83 14.10
C GLU A 109 -0.43 21.18 13.25
N VAL A 110 0.04 21.93 12.24
CA VAL A 110 1.06 21.39 11.35
C VAL A 110 2.40 21.35 12.05
N THR A 111 3.03 20.18 12.06
CA THR A 111 4.37 20.03 12.66
C THR A 111 5.47 19.64 11.67
N ILE A 112 5.14 19.07 10.50
CA ILE A 112 6.14 18.89 9.44
C ILE A 112 5.44 19.34 8.17
N ASP A 113 5.87 20.47 7.62
CA ASP A 113 5.15 21.11 6.52
C ASP A 113 5.70 20.76 5.15
N GLN A 114 6.55 19.73 5.06
CA GLN A 114 7.13 19.37 3.77
C GLN A 114 6.07 18.69 2.89
N LYS A 115 6.35 18.68 1.59
CA LYS A 115 5.46 18.14 0.54
C LYS A 115 6.16 16.87 0.04
N ILE A 116 5.62 15.71 0.44
CA ILE A 116 6.30 14.44 0.28
C ILE A 116 5.48 13.62 -0.68
N VAL A 117 6.07 13.27 -1.84
CA VAL A 117 5.23 12.67 -2.89
C VAL A 117 4.66 11.32 -2.45
N TYR A 118 5.36 10.54 -1.62
CA TYR A 118 4.75 9.28 -1.14
C TYR A 118 3.42 9.56 -0.42
N GLY A 119 3.39 10.58 0.46
CA GLY A 119 2.11 10.93 1.08
C GLY A 119 1.09 11.48 0.11
N LEU A 120 1.54 12.29 -0.84
CA LEU A 120 0.62 12.91 -1.79
C LEU A 120 -0.01 11.85 -2.71
N SER A 121 0.73 10.75 -2.98
CA SER A 121 0.14 9.63 -3.72
C SER A 121 -1.06 9.10 -2.96
N PHE A 122 -0.90 8.85 -1.66
CA PHE A 122 -2.02 8.33 -0.87
C PHE A 122 -3.16 9.31 -0.77
N CYS A 123 -2.86 10.62 -0.82
CA CYS A 123 -3.95 11.59 -0.91
C CYS A 123 -4.73 11.43 -2.20
N ILE A 124 -4.04 11.33 -3.35
CA ILE A 124 -4.76 11.14 -4.63
C ILE A 124 -5.60 9.85 -4.57
N TYR A 125 -5.00 8.78 -4.05
CA TYR A 125 -5.68 7.46 -4.02
C TYR A 125 -6.91 7.52 -3.12
N SER A 126 -6.73 8.02 -1.89
CA SER A 126 -7.84 8.02 -0.93
C SER A 126 -8.94 8.98 -1.33
N LEU A 127 -8.59 10.16 -1.87
CA LEU A 127 -9.60 11.17 -2.17
C LEU A 127 -10.40 10.77 -3.40
N SER A 128 -9.73 10.12 -4.38
CA SER A 128 -10.46 9.59 -5.55
C SER A 128 -11.40 8.49 -5.11
N GLU A 129 -10.91 7.58 -4.25
CA GLU A 129 -11.79 6.52 -3.73
C GLU A 129 -12.96 7.12 -2.97
N TYR A 130 -12.69 8.20 -2.20
CA TYR A 130 -13.74 8.86 -1.44
C TYR A 130 -14.84 9.40 -2.34
N THR A 131 -14.50 10.09 -3.44
CA THR A 131 -15.58 10.55 -4.33
C THR A 131 -16.31 9.38 -4.97
N LEU A 132 -15.57 8.36 -5.39
CA LEU A 132 -16.25 7.17 -5.96
C LEU A 132 -17.23 6.55 -4.96
N ALA A 133 -16.88 6.56 -3.66
CA ALA A 133 -17.73 5.89 -2.66
C ALA A 133 -18.89 6.75 -2.19
N THR A 134 -18.74 8.07 -2.18
CA THR A 134 -19.72 8.97 -1.56
C THR A 134 -20.35 9.96 -2.49
N GLY A 135 -19.74 10.23 -3.64
CA GLY A 135 -20.18 11.28 -4.53
C GLY A 135 -19.87 12.68 -4.07
N ASP A 136 -19.17 12.84 -2.96
CA ASP A 136 -18.76 14.20 -2.54
C ASP A 136 -17.69 14.69 -3.49
N PRO A 137 -17.89 15.77 -4.22
CA PRO A 137 -16.91 16.20 -5.23
C PRO A 137 -15.61 16.72 -4.61
N ARG A 138 -15.56 16.95 -3.30
CA ARG A 138 -14.31 17.41 -2.68
C ARG A 138 -13.17 16.43 -2.90
N GLY A 139 -13.46 15.12 -2.90
CA GLY A 139 -12.36 14.15 -3.08
C GLY A 139 -11.68 14.34 -4.43
N ARG A 140 -12.46 14.28 -5.49
CA ARG A 140 -11.90 14.52 -6.82
C ARG A 140 -11.26 15.89 -6.94
N GLU A 141 -11.88 16.91 -6.35
CA GLU A 141 -11.35 18.27 -6.44
C GLU A 141 -9.92 18.32 -5.92
N TYR A 142 -9.70 17.80 -4.71
CA TYR A 142 -8.36 17.91 -4.14
C TYR A 142 -7.42 16.84 -4.68
N ALA A 143 -7.93 15.68 -5.14
CA ALA A 143 -7.05 14.75 -5.81
C ALA A 143 -6.49 15.35 -7.10
N GLU A 144 -7.35 16.03 -7.87
CA GLU A 144 -6.93 16.68 -9.10
C GLU A 144 -5.97 17.82 -8.82
N LYS A 145 -6.23 18.63 -7.77
CA LYS A 145 -5.28 19.69 -7.45
C LYS A 145 -3.92 19.09 -7.13
N THR A 146 -3.92 17.97 -6.39
CA THR A 146 -2.65 17.33 -6.03
C THR A 146 -1.95 16.75 -7.26
N PHE A 147 -2.69 16.04 -8.12
CA PHE A 147 -2.13 15.58 -9.40
C PHE A 147 -1.46 16.72 -10.16
N ASP A 148 -2.16 17.85 -10.27
CA ASP A 148 -1.67 18.97 -11.06
C ASP A 148 -0.39 19.53 -10.45
N LEU A 149 -0.34 19.59 -9.11
CA LEU A 149 0.90 20.06 -8.47
C LEU A 149 2.07 19.08 -8.70
N LEU A 150 1.81 17.76 -8.69
CA LEU A 150 2.89 16.81 -8.96
C LEU A 150 3.42 17.02 -10.39
N GLN A 151 2.54 17.26 -11.36
CA GLN A 151 3.04 17.43 -12.71
C GLN A 151 3.87 18.69 -12.79
N LYS A 152 3.38 19.77 -12.15
CA LYS A 152 4.13 21.03 -12.18
C LYS A 152 5.49 20.90 -11.48
N TYR A 153 5.48 20.45 -10.22
CA TYR A 153 6.66 20.56 -9.40
C TYR A 153 7.52 19.33 -9.33
N ALA A 154 6.96 18.14 -9.59
CA ALA A 154 7.71 16.92 -9.29
C ALA A 154 8.18 16.18 -10.53
N VAL A 155 7.45 16.26 -11.64
CA VAL A 155 7.87 15.48 -12.82
C VAL A 155 9.16 16.03 -13.37
N ASP A 156 10.09 15.10 -13.66
CA ASP A 156 11.36 15.39 -14.34
C ASP A 156 11.09 15.30 -15.84
N THR A 157 11.07 16.45 -16.50
CA THR A 157 10.72 16.48 -17.91
C THR A 157 11.85 15.97 -18.78
N HIS A 158 13.06 15.76 -18.21
CA HIS A 158 14.15 15.24 -19.03
C HIS A 158 14.20 13.71 -18.94
N TYR A 159 14.44 13.19 -17.73
CA TYR A 159 14.63 11.76 -17.53
C TYR A 159 13.32 11.03 -17.29
N GLY A 160 12.21 11.74 -17.07
CA GLY A 160 10.95 11.09 -16.74
C GLY A 160 10.86 10.72 -15.26
N GLY A 161 9.62 10.39 -14.87
CA GLY A 161 9.38 10.04 -13.44
C GLY A 161 9.40 11.28 -12.58
N TYR A 162 9.48 11.04 -11.28
CA TYR A 162 9.21 12.09 -10.29
C TYR A 162 10.36 12.28 -9.32
N PHE A 163 10.69 13.55 -9.03
CA PHE A 163 11.37 13.85 -7.78
C PHE A 163 10.35 13.79 -6.66
N GLU A 164 10.83 13.54 -5.43
CA GLU A 164 9.91 12.94 -4.44
C GLU A 164 9.77 13.68 -3.11
N MET A 165 10.65 14.65 -2.78
CA MET A 165 10.52 15.33 -1.48
C MET A 165 10.84 16.81 -1.71
N PHE A 166 9.96 17.67 -1.19
CA PHE A 166 10.02 19.12 -1.37
C PHE A 166 9.77 19.83 -0.06
N ASN A 167 10.39 21.04 0.06
CA ASN A 167 10.00 21.90 1.15
C ASN A 167 8.56 22.35 0.99
N ARG A 168 8.06 22.98 2.04
CA ARG A 168 6.67 23.48 2.00
C ARG A 168 6.36 24.28 0.74
N ASP A 169 7.29 25.18 0.36
CA ASP A 169 7.06 26.05 -0.81
C ASP A 169 7.37 25.36 -2.13
N TRP A 170 7.49 24.03 -2.14
CA TRP A 170 7.70 23.20 -3.33
C TRP A 170 9.10 23.32 -3.93
N THR A 171 10.03 24.02 -3.25
CA THR A 171 11.40 23.89 -3.71
C THR A 171 11.93 22.48 -3.38
N LEU A 172 12.74 21.95 -4.27
CA LEU A 172 13.26 20.60 -4.13
C LEU A 172 14.17 20.49 -2.93
N LYS A 173 14.01 19.41 -2.15
CA LYS A 173 14.89 19.20 -1.01
C LYS A 173 16.32 18.89 -1.46
N GLY A 174 17.23 18.94 -0.47
CA GLY A 174 18.62 18.68 -0.74
C GLY A 174 18.91 17.24 -1.15
N PRO A 175 20.16 16.95 -1.48
CA PRO A 175 20.55 15.59 -1.85
C PRO A 175 20.59 14.62 -0.67
N GLY A 176 20.74 13.36 -1.03
CA GLY A 176 20.94 12.30 -0.03
C GLY A 176 19.76 12.11 0.91
N ALA A 177 20.01 12.13 2.24
CA ALA A 177 18.92 11.79 3.17
C ALA A 177 17.79 12.80 3.11
N ALA A 178 18.06 14.02 2.64
CA ALA A 178 16.99 15.01 2.55
C ALA A 178 15.98 14.65 1.45
N GLY A 179 16.35 13.78 0.53
CA GLY A 179 15.35 13.14 -0.36
C GLY A 179 15.16 13.75 -1.74
N GLY A 180 15.97 14.76 -2.13
CA GLY A 180 15.75 15.46 -3.38
C GLY A 180 16.48 14.92 -4.58
N ASP A 181 17.24 13.80 -4.45
CA ASP A 181 17.95 13.34 -5.63
C ASP A 181 17.81 11.86 -5.93
N ARG A 182 16.77 11.20 -5.37
CA ARG A 182 16.50 9.83 -5.72
C ARG A 182 15.07 9.66 -6.22
N LYS A 183 14.91 8.69 -7.06
CA LYS A 183 13.62 8.24 -7.55
C LYS A 183 13.44 6.82 -7.06
N THR A 184 12.24 6.50 -6.58
CA THR A 184 12.11 5.25 -5.85
C THR A 184 10.92 4.41 -6.31
N LEU A 185 11.09 3.09 -6.09
CA LEU A 185 9.99 2.14 -6.30
C LEU A 185 8.80 2.49 -5.41
N ASP A 186 9.05 2.82 -4.13
CA ASP A 186 7.94 3.11 -3.21
C ASP A 186 7.02 4.18 -3.79
N VAL A 187 7.58 5.29 -4.25
CA VAL A 187 6.75 6.36 -4.77
C VAL A 187 6.14 5.99 -6.12
N HIS A 188 6.93 5.43 -7.04
CA HIS A 188 6.40 5.26 -8.39
C HIS A 188 5.36 4.16 -8.45
N MET A 189 5.53 3.09 -7.64
CA MET A 189 4.48 2.04 -7.63
C MET A 189 3.20 2.60 -7.03
N HIS A 190 3.32 3.37 -5.93
CA HIS A 190 2.06 3.88 -5.36
C HIS A 190 1.43 4.97 -6.21
N LEU A 191 2.20 5.72 -7.03
CA LEU A 191 1.52 6.59 -7.99
C LEU A 191 0.70 5.80 -9.00
N MET A 192 1.18 4.62 -9.44
CA MET A 192 0.34 3.82 -10.35
C MET A 192 -0.97 3.46 -9.68
N GLU A 193 -0.89 3.02 -8.42
CA GLU A 193 -2.08 2.70 -7.61
C GLU A 193 -3.03 3.90 -7.55
N ALA A 194 -2.48 5.08 -7.22
CA ALA A 194 -3.32 6.26 -7.02
C ALA A 194 -3.93 6.72 -8.34
N TYR A 195 -3.12 6.72 -9.40
CA TYR A 195 -3.62 7.19 -10.70
C TYR A 195 -4.65 6.27 -11.27
N THR A 196 -4.60 4.97 -10.91
CA THR A 196 -5.66 4.08 -11.39
C THR A 196 -7.02 4.56 -10.87
N THR A 197 -7.09 4.81 -9.55
CA THR A 197 -8.37 5.21 -8.96
C THR A 197 -8.73 6.65 -9.34
N LEU A 198 -7.72 7.53 -9.54
CA LEU A 198 -8.01 8.87 -10.07
C LEU A 198 -8.69 8.74 -11.43
N TYR A 199 -8.13 7.92 -12.32
CA TYR A 199 -8.75 7.75 -13.64
C TYR A 199 -10.12 7.06 -13.53
N GLU A 200 -10.25 6.06 -12.63
CA GLU A 200 -11.59 5.46 -12.41
C GLU A 200 -12.62 6.55 -12.06
N CYS A 201 -12.23 7.53 -11.20
CA CYS A 201 -13.12 8.60 -10.77
C CYS A 201 -13.38 9.59 -11.91
N THR A 202 -12.33 10.05 -12.60
CA THR A 202 -12.55 11.17 -13.52
C THR A 202 -12.89 10.78 -14.95
N GLY A 203 -12.38 9.64 -15.41
CA GLY A 203 -12.51 9.23 -16.81
C GLY A 203 -11.78 10.11 -17.80
N GLN A 204 -10.92 11.01 -17.29
CA GLN A 204 -10.30 12.00 -18.18
C GLN A 204 -9.09 11.42 -18.90
N GLU A 205 -8.92 11.83 -20.16
N GLU A 205 -8.90 11.84 -20.14
CA GLU A 205 -7.81 11.36 -20.99
CA GLU A 205 -7.83 11.28 -20.95
C GLU A 205 -6.46 11.56 -20.30
C GLU A 205 -6.45 11.56 -20.34
N ILE A 206 -6.26 12.70 -19.67
CA ILE A 206 -4.91 12.98 -19.15
C ILE A 206 -4.56 11.96 -18.09
N HIS A 207 -5.56 11.55 -17.29
CA HIS A 207 -5.28 10.58 -16.21
C HIS A 207 -5.05 9.20 -16.78
N ARG A 208 -5.77 8.86 -17.87
CA ARG A 208 -5.48 7.58 -18.53
C ARG A 208 -4.08 7.58 -19.08
N ARG A 209 -3.73 8.67 -19.79
CA ARG A 209 -2.44 8.76 -20.44
C ARG A 209 -1.30 8.67 -19.42
N LYS A 210 -1.43 9.40 -18.32
CA LYS A 210 -0.34 9.39 -17.37
C LYS A 210 -0.34 8.16 -16.47
N LEU A 211 -1.48 7.49 -16.29
CA LEU A 211 -1.43 6.16 -15.67
C LEU A 211 -0.61 5.22 -16.54
N LEU A 212 -0.88 5.21 -17.86
CA LEU A 212 -0.11 4.34 -18.73
C LEU A 212 1.37 4.69 -18.73
N GLU A 213 1.70 6.00 -18.69
CA GLU A 213 3.10 6.37 -18.63
C GLU A 213 3.78 5.88 -17.35
N THR A 214 3.04 5.90 -16.22
CA THR A 214 3.59 5.44 -14.96
C THR A 214 3.85 3.94 -14.99
N ILE A 215 2.91 3.18 -15.56
CA ILE A 215 3.12 1.74 -15.75
C ILE A 215 4.39 1.51 -16.55
N GLU A 216 4.53 2.22 -17.69
CA GLU A 216 5.75 2.09 -18.49
C GLU A 216 7.02 2.44 -17.72
N LEU A 217 7.00 3.51 -16.90
CA LEU A 217 8.18 3.80 -16.09
C LEU A 217 8.53 2.64 -15.20
N LEU A 218 7.52 2.06 -14.55
CA LEU A 218 7.80 0.97 -13.63
C LEU A 218 8.41 -0.20 -14.38
N VAL A 219 7.75 -0.63 -15.46
CA VAL A 219 8.19 -1.81 -16.21
C VAL A 219 9.55 -1.60 -16.85
N ASN A 220 9.78 -0.40 -17.39
CA ASN A 220 10.99 -0.16 -18.21
C ASN A 220 12.15 0.38 -17.43
N LYS A 221 11.93 1.06 -16.28
CA LYS A 221 13.01 1.66 -15.49
C LYS A 221 13.15 1.07 -14.10
N VAL A 222 12.06 0.65 -13.42
CA VAL A 222 12.20 0.34 -12.00
C VAL A 222 12.43 -1.15 -11.77
N MET A 223 11.82 -1.99 -12.61
CA MET A 223 11.99 -3.43 -12.43
C MET A 223 13.34 -3.88 -12.98
N HIS A 224 13.89 -4.89 -12.34
CA HIS A 224 15.18 -5.42 -12.79
C HIS A 224 15.10 -5.85 -14.26
N PRO A 225 16.07 -5.44 -15.09
CA PRO A 225 15.92 -5.71 -16.53
C PRO A 225 16.00 -7.18 -16.89
N GLU A 226 16.59 -8.01 -16.05
CA GLU A 226 16.56 -9.45 -16.29
C GLU A 226 15.49 -10.16 -15.48
N TYR A 227 15.40 -9.86 -14.18
CA TYR A 227 14.57 -10.68 -13.31
C TYR A 227 13.17 -10.11 -13.11
N GLY A 228 12.93 -8.83 -13.47
CA GLY A 228 11.58 -8.26 -13.37
C GLY A 228 11.17 -7.83 -11.96
N THR A 229 12.05 -7.98 -10.99
CA THR A 229 11.77 -7.73 -9.58
C THR A 229 12.11 -6.28 -9.24
N GLY A 230 11.40 -5.72 -8.25
CA GLY A 230 11.56 -4.28 -8.01
C GLY A 230 12.92 -3.95 -7.43
N ILE A 231 13.52 -2.89 -7.96
CA ILE A 231 14.77 -2.30 -7.43
C ILE A 231 14.38 -1.03 -6.67
N PRO A 232 14.87 -0.81 -5.47
CA PRO A 232 14.22 0.23 -4.64
C PRO A 232 14.58 1.68 -4.96
N GLN A 233 15.87 2.00 -5.26
CA GLN A 233 16.26 3.41 -5.37
C GLN A 233 17.13 3.65 -6.60
N PHE A 234 16.88 4.80 -7.25
CA PHE A 234 17.58 5.21 -8.47
C PHE A 234 18.02 6.65 -8.34
N TRP A 235 19.10 6.98 -9.06
CA TRP A 235 19.36 8.39 -9.29
C TRP A 235 18.39 8.95 -10.33
N ALA A 236 18.45 10.27 -10.54
CA ALA A 236 17.52 10.90 -11.46
C ALA A 236 17.60 10.30 -12.85
N ASP A 237 18.81 9.92 -13.31
CA ASP A 237 18.99 9.39 -14.65
C ASP A 237 18.65 7.92 -14.75
N TRP A 238 18.08 7.35 -13.67
CA TRP A 238 17.58 5.98 -13.64
C TRP A 238 18.72 4.95 -13.62
N SER A 239 19.95 5.38 -13.36
CA SER A 239 20.93 4.43 -12.87
C SER A 239 20.63 4.06 -11.43
N VAL A 240 21.01 2.83 -11.05
CA VAL A 240 20.76 2.34 -9.69
C VAL A 240 21.57 3.10 -8.67
N ALA A 241 20.90 3.51 -7.55
CA ALA A 241 21.57 4.27 -6.50
C ALA A 241 21.84 3.37 -5.30
N PRO A 242 22.87 3.65 -4.49
CA PRO A 242 23.01 3.00 -3.19
C PRO A 242 21.77 3.27 -2.37
N GLN A 243 21.30 2.25 -1.63
CA GLN A 243 20.10 2.41 -0.82
C GLN A 243 20.44 3.21 0.44
N ILE A 244 19.65 4.25 0.70
CA ILE A 244 19.81 5.04 1.91
C ILE A 244 18.49 5.25 2.64
N LYS A 245 18.62 5.60 3.91
CA LYS A 245 17.47 6.03 4.71
C LYS A 245 17.26 7.51 4.48
N PHE A 246 16.01 7.92 4.34
CA PHE A 246 15.71 9.34 4.25
C PHE A 246 15.38 9.90 5.63
N ASP A 247 15.58 11.22 5.79
CA ASP A 247 15.14 11.91 7.02
C ASP A 247 13.65 11.70 7.28
N ILE A 248 12.85 11.82 6.22
CA ILE A 248 11.41 11.61 6.29
C ILE A 248 11.14 10.10 6.14
N VAL A 249 10.52 9.51 7.17
CA VAL A 249 10.24 8.07 7.19
C VAL A 249 8.74 7.82 7.22
N TRP A 250 8.38 6.60 6.87
CA TRP A 250 6.98 6.20 6.99
C TRP A 250 6.91 4.74 7.38
N GLY A 251 7.87 4.30 8.18
CA GLY A 251 7.86 2.96 8.73
C GLY A 251 8.90 2.90 9.82
N TRP A 252 8.82 1.82 10.61
CA TRP A 252 9.84 1.56 11.62
C TRP A 252 10.96 0.77 10.95
N ALA A 253 12.19 1.07 11.27
CA ALA A 253 13.34 0.41 10.65
C ALA A 253 13.63 -0.87 11.42
N ARG A 254 13.58 -2.01 10.75
CA ARG A 254 13.84 -3.30 11.41
C ARG A 254 15.15 -3.85 10.88
N PHE A 255 16.00 -4.32 11.79
CA PHE A 255 17.16 -5.10 11.40
C PHE A 255 16.99 -6.51 11.91
N ASN A 256 17.09 -7.51 11.01
CA ASN A 256 17.05 -8.90 11.45
C ASN A 256 18.50 -9.36 11.56
N PRO A 257 19.03 -9.54 12.77
CA PRO A 257 20.46 -9.86 12.91
C PRO A 257 20.83 -11.18 12.31
N ASP A 258 19.88 -12.11 12.13
CA ASP A 258 20.16 -13.39 11.50
C ASP A 258 19.90 -13.38 10.00
N GLY A 259 19.45 -12.25 9.44
CA GLY A 259 19.31 -12.12 8.00
C GLY A 259 20.65 -12.31 7.28
N LEU A 260 20.58 -12.86 6.06
CA LEU A 260 21.79 -13.10 5.28
C LEU A 260 22.18 -11.87 4.46
N LYS A 261 23.46 -11.80 4.09
CA LYS A 261 23.99 -10.79 3.16
C LYS A 261 23.48 -9.38 3.48
N SER A 262 23.64 -8.94 4.74
CA SER A 262 23.07 -7.64 5.14
C SER A 262 23.67 -6.47 4.37
N ALA A 263 24.86 -6.60 3.79
CA ALA A 263 25.38 -5.48 3.00
C ALA A 263 25.06 -5.57 1.51
N ALA A 264 24.45 -6.66 1.04
CA ALA A 264 24.12 -6.76 -0.38
C ALA A 264 23.11 -5.68 -0.75
N GLU A 265 23.18 -5.19 -2.00
CA GLU A 265 22.17 -4.25 -2.50
C GLU A 265 21.31 -4.86 -3.61
N ASP A 266 21.35 -6.19 -3.80
CA ASP A 266 20.50 -6.83 -4.80
C ASP A 266 19.22 -7.38 -4.18
N ASN A 267 18.76 -6.75 -3.10
CA ASN A 267 17.60 -7.22 -2.34
C ASN A 267 16.33 -6.70 -2.98
N THR A 268 15.29 -7.53 -2.97
CA THR A 268 13.99 -7.16 -3.54
C THR A 268 12.94 -7.71 -2.60
N SER A 269 11.73 -7.11 -2.65
CA SER A 269 10.64 -7.47 -1.72
C SER A 269 9.57 -8.28 -2.41
N TYR A 270 9.36 -9.51 -1.95
CA TYR A 270 8.34 -10.37 -2.55
C TYR A 270 6.95 -9.70 -2.43
N GLY A 271 6.69 -9.13 -1.26
CA GLY A 271 5.43 -8.42 -1.04
C GLY A 271 5.23 -7.25 -1.99
N HIS A 272 6.24 -6.42 -2.15
CA HIS A 272 6.14 -5.29 -3.07
C HIS A 272 5.96 -5.76 -4.50
N ASN A 273 6.65 -6.85 -4.88
CA ASN A 273 6.53 -7.30 -6.25
C ASN A 273 5.15 -7.87 -6.54
N SER A 274 4.58 -8.62 -5.56
CA SER A 274 3.21 -9.12 -5.68
C SER A 274 2.22 -7.97 -5.72
N GLU A 275 2.44 -6.96 -4.86
CA GLU A 275 1.55 -5.80 -4.85
C GLU A 275 1.58 -5.08 -6.17
N PHE A 276 2.79 -4.85 -6.69
CA PHE A 276 2.89 -4.23 -8.00
C PHE A 276 2.12 -5.01 -9.05
N ALA A 277 2.33 -6.35 -9.09
CA ALA A 277 1.68 -7.13 -10.17
C ALA A 277 0.15 -7.11 -10.07
N TRP A 278 -0.43 -7.24 -8.84
CA TRP A 278 -1.89 -7.28 -8.81
C TRP A 278 -2.45 -5.87 -9.00
N LEU A 279 -1.74 -4.84 -8.51
CA LEU A 279 -2.22 -3.49 -8.81
C LEU A 279 -2.14 -3.19 -10.31
N LEU A 280 -1.10 -3.73 -10.99
CA LEU A 280 -1.02 -3.57 -12.45
C LEU A 280 -2.20 -4.28 -13.12
N MET A 281 -2.53 -5.52 -12.65
CA MET A 281 -3.70 -6.17 -13.24
C MET A 281 -4.97 -5.35 -12.99
N HIS A 282 -5.11 -4.75 -11.78
CA HIS A 282 -6.25 -3.89 -11.52
C HIS A 282 -6.28 -2.67 -12.45
N ALA A 283 -5.11 -2.03 -12.65
CA ALA A 283 -5.04 -0.92 -13.61
C ALA A 283 -5.50 -1.37 -14.99
N LEU A 284 -5.01 -2.55 -15.45
CA LEU A 284 -5.40 -3.03 -16.77
C LEU A 284 -6.90 -3.27 -16.84
N ASP A 285 -7.51 -3.79 -15.76
CA ASP A 285 -8.97 -3.91 -15.73
C ASP A 285 -9.64 -2.54 -15.90
N ILE A 286 -9.19 -1.55 -15.14
CA ILE A 286 -9.78 -0.22 -15.20
C ILE A 286 -9.58 0.38 -16.59
N LEU A 287 -8.41 0.12 -17.22
CA LEU A 287 -8.07 0.59 -18.57
C LEU A 287 -8.78 -0.21 -19.66
N GLY A 288 -9.43 -1.33 -19.31
CA GLY A 288 -10.06 -2.13 -20.38
C GLY A 288 -9.08 -2.86 -21.25
N LEU A 289 -7.90 -3.21 -20.70
CA LEU A 289 -6.84 -3.88 -21.43
C LEU A 289 -6.63 -5.28 -20.88
N PRO A 290 -6.19 -6.22 -21.71
CA PRO A 290 -6.01 -7.59 -21.21
C PRO A 290 -4.76 -7.71 -20.36
N TYR A 291 -4.78 -8.66 -19.41
CA TYR A 291 -3.56 -8.86 -18.62
C TYR A 291 -2.35 -9.18 -19.48
N ASP A 292 -2.54 -9.89 -20.60
CA ASP A 292 -1.31 -10.19 -21.34
C ASP A 292 -0.70 -9.00 -22.05
N THR A 293 -1.29 -7.81 -21.92
CA THR A 293 -0.57 -6.58 -22.29
C THR A 293 0.80 -6.55 -21.63
N TYR A 294 0.89 -7.05 -20.39
CA TYR A 294 2.15 -7.12 -19.67
C TYR A 294 2.40 -8.52 -19.15
N ARG A 295 2.21 -9.53 -20.02
CA ARG A 295 2.38 -10.92 -19.59
C ARG A 295 3.77 -11.19 -19.02
N GLU A 296 4.83 -10.74 -19.72
CA GLU A 296 6.17 -11.09 -19.28
C GLU A 296 6.43 -10.53 -17.89
N GLN A 297 6.08 -9.25 -17.68
CA GLN A 297 6.32 -8.63 -16.37
C GLN A 297 5.52 -9.32 -15.28
N ILE A 298 4.22 -9.47 -15.50
CA ILE A 298 3.38 -10.06 -14.45
C ILE A 298 3.89 -11.46 -14.10
N THR A 299 4.24 -12.23 -15.12
CA THR A 299 4.75 -13.59 -14.86
C THR A 299 6.04 -13.57 -14.05
N LYS A 300 6.96 -12.64 -14.38
CA LYS A 300 8.21 -12.59 -13.61
C LYS A 300 7.93 -12.25 -12.15
N SER A 301 7.05 -11.27 -11.91
CA SER A 301 6.82 -10.85 -10.51
C SER A 301 6.29 -12.01 -9.69
N TYR A 302 5.22 -12.64 -10.20
CA TYR A 302 4.57 -13.67 -9.44
C TYR A 302 5.43 -14.92 -9.33
N THR A 303 6.08 -15.33 -10.42
CA THR A 303 6.93 -16.54 -10.37
C THR A 303 8.02 -16.39 -9.34
N HIS A 304 8.69 -15.21 -9.31
CA HIS A 304 9.73 -14.98 -8.32
C HIS A 304 9.19 -15.04 -6.88
N ALA A 305 8.00 -14.48 -6.67
CA ALA A 305 7.48 -14.47 -5.31
C ALA A 305 7.10 -15.87 -4.83
N VAL A 306 6.49 -16.68 -5.70
CA VAL A 306 6.07 -18.00 -5.25
C VAL A 306 7.27 -18.94 -5.15
N GLU A 307 8.26 -18.78 -6.04
CA GLU A 307 9.41 -19.69 -6.03
C GLU A 307 10.33 -19.43 -4.87
N ASN A 308 10.42 -18.20 -4.40
CA ASN A 308 11.36 -17.86 -3.37
C ASN A 308 10.75 -17.37 -2.07
N GLY A 309 9.62 -16.65 -2.14
CA GLY A 309 9.13 -15.91 -1.00
C GLY A 309 8.24 -16.71 -0.06
N VAL A 310 7.61 -17.80 -0.54
CA VAL A 310 6.61 -18.50 0.27
C VAL A 310 7.29 -19.51 1.18
N ASP A 311 6.98 -19.45 2.48
CA ASP A 311 7.52 -20.39 3.48
C ASP A 311 6.57 -21.58 3.54
N TRP A 312 6.88 -22.63 2.74
CA TRP A 312 5.97 -23.76 2.70
C TRP A 312 5.90 -24.47 4.04
N GLU A 313 7.02 -24.49 4.77
CA GLU A 313 7.05 -25.26 6.00
C GLU A 313 6.25 -24.58 7.13
N PHE A 314 6.45 -23.28 7.33
CA PHE A 314 5.84 -22.62 8.50
C PHE A 314 4.69 -21.68 8.11
N GLY A 315 4.60 -21.31 6.87
CA GLY A 315 3.53 -20.42 6.40
C GLY A 315 4.00 -18.96 6.29
N GLY A 316 3.43 -18.28 5.27
CA GLY A 316 3.62 -16.85 5.13
C GLY A 316 4.73 -16.53 4.18
N VAL A 317 4.91 -15.22 3.93
CA VAL A 317 5.92 -14.74 2.98
C VAL A 317 7.08 -14.09 3.71
N TYR A 318 8.31 -14.42 3.26
CA TYR A 318 9.51 -13.81 3.80
C TYR A 318 9.57 -12.31 3.48
N VAL A 319 10.51 -11.61 4.14
CA VAL A 319 10.63 -10.15 3.91
C VAL A 319 11.32 -9.85 2.59
N GLU A 320 12.52 -10.42 2.36
CA GLU A 320 13.25 -10.00 1.15
C GLU A 320 14.34 -11.01 0.80
N GLY A 321 14.80 -10.89 -0.43
CA GLY A 321 15.89 -11.73 -0.89
C GLY A 321 16.45 -11.15 -2.18
N SER A 322 17.33 -11.93 -2.81
CA SER A 322 17.97 -11.36 -3.98
C SER A 322 17.09 -11.49 -5.22
N HIS A 323 17.36 -10.60 -6.19
CA HIS A 323 16.71 -10.73 -7.50
C HIS A 323 16.91 -12.13 -8.08
N ALA A 324 18.12 -12.69 -7.89
CA ALA A 324 18.48 -13.95 -8.52
C ALA A 324 17.91 -15.16 -7.79
N GLY A 325 17.39 -14.97 -6.57
CA GLY A 325 16.64 -16.06 -5.94
C GLY A 325 17.14 -16.60 -4.60
N GLN A 326 18.04 -15.94 -3.91
CA GLN A 326 18.39 -16.37 -2.56
C GLN A 326 17.56 -15.60 -1.53
N VAL A 327 16.97 -16.29 -0.56
CA VAL A 327 16.23 -15.56 0.49
C VAL A 327 17.21 -14.97 1.47
N TYR A 328 16.99 -13.70 1.86
CA TYR A 328 17.85 -13.04 2.84
C TYR A 328 17.20 -12.98 4.21
N ASP A 329 15.89 -12.67 4.33
CA ASP A 329 15.33 -12.29 5.64
C ASP A 329 14.01 -13.02 5.75
N LYS A 330 13.92 -14.00 6.67
CA LYS A 330 12.74 -14.87 6.74
C LYS A 330 11.77 -14.45 7.84
N GLU A 331 11.95 -13.24 8.40
CA GLU A 331 10.93 -12.74 9.30
C GLU A 331 9.62 -12.55 8.53
N LYS A 332 8.53 -12.40 9.30
CA LYS A 332 7.17 -12.38 8.74
C LYS A 332 6.55 -11.03 9.11
N GLU A 333 6.45 -10.14 8.11
CA GLU A 333 5.99 -8.77 8.40
C GLU A 333 4.56 -8.64 7.82
N PHE A 334 3.75 -7.75 8.39
CA PHE A 334 2.31 -7.90 8.14
C PHE A 334 1.89 -7.54 6.70
N TRP A 335 2.42 -6.44 6.14
CA TRP A 335 1.82 -5.94 4.90
C TRP A 335 2.15 -6.84 3.73
N GLN A 336 3.31 -7.53 3.79
CA GLN A 336 3.64 -8.46 2.69
C GLN A 336 2.70 -9.65 2.66
N GLN A 337 2.23 -10.09 3.83
CA GLN A 337 1.23 -11.18 3.80
C GLN A 337 -0.02 -10.69 3.12
N ALA A 338 -0.46 -9.49 3.46
CA ALA A 338 -1.68 -8.94 2.88
C ALA A 338 -1.58 -8.87 1.37
N GLU A 339 -0.44 -8.41 0.85
CA GLU A 339 -0.33 -8.21 -0.58
C GLU A 339 -0.10 -9.52 -1.33
N MET A 340 0.46 -10.52 -0.66
CA MET A 340 0.54 -11.84 -1.30
C MET A 340 -0.78 -12.56 -1.28
N LEU A 341 -1.69 -12.26 -0.35
CA LEU A 341 -3.03 -12.88 -0.45
C LEU A 341 -3.69 -12.48 -1.76
N ILE A 342 -3.71 -11.18 -2.04
CA ILE A 342 -4.36 -10.74 -3.27
C ILE A 342 -3.58 -11.23 -4.48
N GLY A 343 -2.25 -11.06 -4.44
CA GLY A 343 -1.43 -11.38 -5.60
C GLY A 343 -1.47 -12.85 -5.98
N MET A 344 -1.43 -13.75 -4.97
CA MET A 344 -1.45 -15.18 -5.36
C MET A 344 -2.77 -15.56 -5.99
N LEU A 345 -3.89 -14.97 -5.54
CA LEU A 345 -5.16 -15.24 -6.23
C LEU A 345 -5.12 -14.75 -7.68
N ASP A 346 -4.63 -13.53 -7.93
CA ASP A 346 -4.60 -13.00 -9.29
C ASP A 346 -3.58 -13.74 -10.16
N ALA A 347 -2.49 -14.21 -9.55
CA ALA A 347 -1.58 -15.08 -10.28
C ALA A 347 -2.31 -16.34 -10.73
N TYR A 348 -3.13 -16.93 -9.84
CA TYR A 348 -3.89 -18.11 -10.30
C TYR A 348 -4.85 -17.73 -11.40
N ARG A 349 -5.54 -16.59 -11.26
CA ARG A 349 -6.52 -16.24 -12.29
C ARG A 349 -5.87 -16.09 -13.65
N PHE A 350 -4.69 -15.48 -13.70
CA PHE A 350 -4.10 -15.18 -15.00
C PHE A 350 -3.26 -16.34 -15.49
N LEU A 351 -2.47 -16.94 -14.59
CA LEU A 351 -1.43 -17.90 -14.99
C LEU A 351 -1.91 -19.34 -14.86
N LYS A 352 -2.93 -19.58 -14.04
CA LYS A 352 -3.69 -20.83 -13.95
C LYS A 352 -2.90 -22.01 -13.40
N ASP A 353 -1.78 -21.75 -12.74
N ASP A 353 -1.77 -21.76 -12.77
CA ASP A 353 -0.96 -22.78 -12.12
CA ASP A 353 -0.96 -22.79 -12.15
C ASP A 353 -1.41 -23.00 -10.69
C ASP A 353 -1.43 -22.99 -10.71
N GLU A 354 -1.63 -24.26 -10.34
CA GLU A 354 -2.15 -24.59 -9.02
C GLU A 354 -1.22 -24.18 -7.88
N LYS A 355 0.10 -24.02 -8.13
CA LYS A 355 1.02 -23.59 -7.10
C LYS A 355 0.57 -22.26 -6.51
N TYR A 356 -0.12 -21.43 -7.31
CA TYR A 356 -0.53 -20.11 -6.77
C TYR A 356 -1.68 -20.27 -5.79
N LEU A 357 -2.59 -21.22 -6.01
CA LEU A 357 -3.63 -21.45 -5.01
C LEU A 357 -3.06 -22.13 -3.78
N GLN A 358 -2.06 -23.02 -3.98
CA GLN A 358 -1.38 -23.58 -2.82
C GLN A 358 -0.71 -22.47 -2.01
N ALA A 359 -0.04 -21.53 -2.72
CA ALA A 359 0.57 -20.42 -2.00
C ALA A 359 -0.49 -19.57 -1.30
N TYR A 360 -1.59 -19.26 -1.98
CA TYR A 360 -2.65 -18.49 -1.31
C TYR A 360 -3.04 -19.15 0.01
N GLU A 361 -3.38 -20.47 -0.04
CA GLU A 361 -3.85 -21.07 1.20
C GLU A 361 -2.76 -21.09 2.29
N ASN A 362 -1.50 -21.25 1.89
CA ASN A 362 -0.41 -21.18 2.85
C ASN A 362 -0.40 -19.82 3.56
N ILE A 363 -0.53 -18.74 2.78
CA ILE A 363 -0.45 -17.40 3.38
C ILE A 363 -1.71 -17.12 4.21
N HIS A 364 -2.87 -17.53 3.69
CA HIS A 364 -4.14 -17.35 4.39
C HIS A 364 -4.11 -18.08 5.73
N ARG A 365 -3.62 -19.34 5.74
CA ARG A 365 -3.54 -20.02 7.03
C ARG A 365 -2.56 -19.33 7.99
N PHE A 366 -1.42 -18.82 7.47
CA PHE A 366 -0.50 -18.11 8.34
C PHE A 366 -1.17 -16.88 8.95
N VAL A 367 -1.83 -16.10 8.11
CA VAL A 367 -2.48 -14.88 8.61
C VAL A 367 -3.49 -15.21 9.69
N PHE A 368 -4.40 -16.17 9.42
CA PHE A 368 -5.45 -16.43 10.39
C PHE A 368 -4.94 -17.19 11.60
N ASP A 369 -3.96 -18.08 11.42
CA ASP A 369 -3.57 -18.93 12.55
C ASP A 369 -2.44 -18.34 13.38
N LYS A 370 -1.69 -17.39 12.84
CA LYS A 370 -0.55 -16.83 13.55
C LYS A 370 -0.59 -15.31 13.67
N MET A 371 -0.92 -14.62 12.56
CA MET A 371 -0.66 -13.16 12.53
C MET A 371 -1.80 -12.31 13.09
N ILE A 372 -3.06 -12.74 12.93
CA ILE A 372 -4.14 -11.95 13.48
C ILE A 372 -4.18 -12.13 14.98
N ASN A 373 -4.28 -11.01 15.70
CA ASN A 373 -4.46 -11.04 17.16
C ASN A 373 -5.97 -11.10 17.36
N HIS A 374 -6.53 -12.33 17.42
CA HIS A 374 -7.98 -12.40 17.41
C HIS A 374 -8.67 -11.77 18.63
N SER A 375 -7.96 -11.62 19.75
CA SER A 375 -8.48 -10.92 20.94
C SER A 375 -8.92 -9.51 20.60
N LEU A 376 -8.21 -8.86 19.68
CA LEU A 376 -8.51 -7.45 19.37
C LEU A 376 -9.02 -7.24 17.95
N GLY A 377 -8.48 -7.98 16.99
CA GLY A 377 -8.87 -7.90 15.59
C GLY A 377 -7.83 -7.34 14.64
N GLU A 378 -6.73 -6.78 15.14
CA GLU A 378 -5.67 -6.30 14.25
C GLU A 378 -4.53 -7.31 14.12
N TRP A 379 -3.59 -7.00 13.20
CA TRP A 379 -2.52 -7.94 12.83
C TRP A 379 -1.23 -7.59 13.55
N TRP A 380 -0.57 -8.61 14.13
CA TRP A 380 0.76 -8.33 14.68
C TRP A 380 1.65 -7.77 13.57
N PRO A 381 2.48 -6.75 13.84
CA PRO A 381 3.21 -6.10 12.77
C PRO A 381 4.42 -6.88 12.27
N LEU A 382 5.03 -7.70 13.14
CA LEU A 382 6.28 -8.34 12.75
C LEU A 382 6.48 -9.58 13.61
N MET A 383 6.83 -10.71 12.97
CA MET A 383 6.89 -11.98 13.69
C MET A 383 8.17 -12.70 13.28
N THR A 384 8.59 -13.65 14.12
CA THR A 384 9.63 -14.57 13.69
C THR A 384 9.15 -15.44 12.53
N ARG A 385 10.12 -16.09 11.86
CA ARG A 385 9.75 -16.99 10.77
C ARG A 385 8.64 -17.95 11.17
N GLU A 386 8.73 -18.50 12.39
CA GLU A 386 7.76 -19.51 12.82
C GLU A 386 6.47 -18.91 13.36
N GLY A 387 6.33 -17.58 13.37
CA GLY A 387 5.05 -16.96 13.69
C GLY A 387 4.89 -16.53 15.15
N VAL A 388 5.99 -16.17 15.83
CA VAL A 388 5.94 -15.62 17.19
C VAL A 388 6.10 -14.10 17.09
N PRO A 389 5.25 -13.31 17.73
CA PRO A 389 5.37 -11.85 17.57
C PRO A 389 6.75 -11.36 18.02
N ILE A 390 7.30 -10.43 17.26
CA ILE A 390 8.49 -9.68 17.67
C ILE A 390 8.11 -8.31 18.13
N TRP A 391 7.29 -7.61 17.32
CA TRP A 391 6.75 -6.33 17.71
C TRP A 391 5.25 -6.49 17.90
N LYS A 392 4.72 -5.84 18.94
CA LYS A 392 3.32 -6.14 19.29
C LYS A 392 2.38 -4.95 19.30
N HIS A 393 2.82 -3.73 18.97
CA HIS A 393 1.84 -2.67 18.83
C HIS A 393 0.89 -2.99 17.71
N MET A 394 -0.39 -2.71 17.93
CA MET A 394 -1.38 -2.99 16.89
C MET A 394 -1.39 -1.96 15.76
N SER A 395 -1.10 -0.71 16.04
CA SER A 395 -1.16 0.30 14.99
C SER A 395 -0.41 1.55 15.45
N HIS A 396 -0.04 2.37 14.47
CA HIS A 396 0.75 3.57 14.79
C HIS A 396 0.62 4.60 13.64
N SER A 397 1.63 5.50 13.50
CA SER A 397 1.48 6.51 12.46
C SER A 397 1.57 5.94 11.07
N TRP A 398 2.13 4.72 10.90
CA TRP A 398 2.41 4.16 9.60
C TRP A 398 1.70 2.84 9.39
N LYS A 399 1.14 2.25 10.44
CA LYS A 399 0.43 0.97 10.32
C LYS A 399 -0.99 1.30 10.76
N ILE A 400 -1.91 1.37 9.79
CA ILE A 400 -3.31 1.63 10.11
C ILE A 400 -4.06 0.39 9.64
N ASN A 401 -4.86 0.52 8.59
CA ASN A 401 -5.67 -0.62 8.14
C ASN A 401 -5.76 -0.63 6.61
N TYR A 402 -4.79 0.01 5.95
CA TYR A 402 -4.85 0.07 4.50
C TYR A 402 -4.56 -1.29 3.88
N HIS A 403 -3.46 -1.92 4.31
CA HIS A 403 -3.18 -3.22 3.67
C HIS A 403 -4.17 -4.29 4.08
N ASP A 404 -4.53 -4.38 5.38
CA ASP A 404 -5.28 -5.56 5.81
C ASP A 404 -6.74 -5.52 5.40
N VAL A 405 -7.46 -4.40 5.55
CA VAL A 405 -8.86 -4.40 5.09
C VAL A 405 -8.93 -4.63 3.59
N ARG A 406 -8.03 -3.99 2.82
CA ARG A 406 -8.04 -4.18 1.36
C ARG A 406 -7.77 -5.64 0.99
N SER A 407 -6.84 -6.29 1.69
CA SER A 407 -6.56 -7.70 1.36
C SER A 407 -7.73 -8.59 1.72
N MET A 408 -8.49 -8.28 2.78
CA MET A 408 -9.64 -9.14 3.09
C MET A 408 -10.73 -8.96 2.04
N ILE A 409 -11.05 -7.71 1.71
CA ILE A 409 -12.11 -7.47 0.73
C ILE A 409 -11.69 -8.01 -0.65
N GLN A 410 -10.46 -7.69 -1.07
CA GLN A 410 -10.10 -8.07 -2.44
C GLN A 410 -9.85 -9.56 -2.56
N SER A 411 -9.49 -10.23 -1.45
CA SER A 411 -9.35 -11.69 -1.49
C SER A 411 -10.70 -12.37 -1.54
N ILE A 412 -11.67 -11.90 -0.78
CA ILE A 412 -12.97 -12.60 -0.80
C ILE A 412 -13.59 -12.42 -2.18
N VAL A 413 -13.37 -11.28 -2.85
CA VAL A 413 -13.85 -11.06 -4.23
C VAL A 413 -13.16 -11.98 -5.22
N ARG A 414 -11.83 -12.07 -5.15
CA ARG A 414 -11.10 -12.89 -6.12
C ARG A 414 -11.39 -14.38 -5.89
N LEU A 415 -11.52 -14.82 -4.64
CA LEU A 415 -11.90 -16.22 -4.40
C LEU A 415 -13.26 -16.49 -5.02
N ASP A 416 -14.20 -15.55 -4.93
CA ASP A 416 -15.51 -15.72 -5.60
C ASP A 416 -15.35 -15.84 -7.12
N LYS A 417 -14.49 -15.01 -7.71
CA LYS A 417 -14.24 -15.10 -9.15
C LYS A 417 -13.71 -16.48 -9.50
N ILE A 418 -12.81 -17.01 -8.69
CA ILE A 418 -12.18 -18.28 -9.02
C ILE A 418 -13.20 -19.39 -8.90
N ALA A 419 -14.02 -19.34 -7.85
CA ALA A 419 -15.08 -20.37 -7.67
C ALA A 419 -16.03 -20.36 -8.84
N LYS A 420 -16.39 -19.17 -9.31
CA LYS A 420 -17.37 -19.03 -10.38
C LYS A 420 -16.80 -19.35 -11.76
N GLY A 421 -15.49 -19.29 -11.92
CA GLY A 421 -14.86 -19.61 -13.20
C GLY A 421 -14.91 -21.12 -13.43
C FMT B . 4.30 -1.42 0.57
O1 FMT B . 3.42 -1.05 -0.17
O2 FMT B . 5.12 -0.68 1.14
C FMT C . 3.61 -0.33 4.35
O1 FMT C . 2.82 0.29 3.67
O2 FMT C . 4.82 -0.03 4.40
#